data_1XBU
#
_entry.id   1XBU
#
_cell.length_a   60.970
_cell.length_b   60.970
_cell.length_c   144.519
_cell.angle_alpha   90.00
_cell.angle_beta   90.00
_cell.angle_gamma   90.00
#
_symmetry.space_group_name_H-M   'P 41 21 2'
#
loop_
_entity.id
_entity.type
_entity.pdbx_description
1 polymer Aminopeptidase
2 non-polymer 'ZINC ION'
3 non-polymer 'CALCIUM ION'
4 non-polymer P-IODO-D-PHENYLALANINE
5 water water
#
_entity_poly.entity_id   1
_entity_poly.type   'polypeptide(L)'
_entity_poly.pdbx_seq_one_letter_code
;APDIPLANVKAHLTQLSTIAANNGGNRAHGRPGYKASVDYVKAKLDAAGYTTTLQQFTSGGATGYNLIANWPGGDPNKVL
MAGAHLDSVSSGAGINDNGSGSAAVLETALAVSRAGYQPDKHLRFAWWGAEELGLIGSKFYVNNLPSADRSKLAGYLNFD
MIGSPNPGYFVYDDDPVIEKTFKNYFAGLNVPTEIETEGDGRSDHAPFKNVGVPVGGLFTGAGYTKSAAQAQKWGGTAGQ
AFDRCYHSSCDSLSNINDTALDRNSDAAAHAIWTLSSGTGEPPT
;
_entity_poly.pdbx_strand_id   A
#
# COMPACT_ATOMS: atom_id res chain seq x y z
N ALA A 1 12.11 -8.83 11.56
CA ALA A 1 11.95 -7.98 10.39
C ALA A 1 12.88 -6.79 10.61
N PRO A 2 13.35 -6.20 9.52
CA PRO A 2 14.14 -4.98 9.69
C PRO A 2 13.22 -3.81 10.00
N ASP A 3 13.79 -2.74 10.55
N ASP A 3 13.90 -2.82 10.56
CA ASP A 3 13.16 -1.43 10.72
CA ASP A 3 13.24 -1.53 10.52
C ASP A 3 13.26 -0.68 9.40
C ASP A 3 13.20 -1.10 9.05
N ILE A 4 12.14 -0.38 8.73
CA ILE A 4 12.15 0.28 7.42
C ILE A 4 12.59 1.71 7.57
N PRO A 5 13.64 2.17 6.90
CA PRO A 5 14.09 3.56 7.12
C PRO A 5 13.10 4.59 6.57
N LEU A 6 12.58 5.42 7.47
CA LEU A 6 11.59 6.44 7.10
C LEU A 6 12.14 7.29 5.99
N ALA A 7 13.42 7.63 6.03
CA ALA A 7 13.93 8.54 5.00
C ALA A 7 13.81 7.90 3.63
N ASN A 8 13.98 6.59 3.56
CA ASN A 8 13.90 5.94 2.23
C ASN A 8 12.48 6.00 1.72
N VAL A 9 11.51 5.82 2.61
CA VAL A 9 10.07 5.87 2.22
C VAL A 9 9.76 7.26 1.71
N LYS A 10 10.20 8.27 2.49
CA LYS A 10 10.01 9.68 2.09
C LYS A 10 10.63 9.98 0.75
N ALA A 11 11.79 9.40 0.45
CA ALA A 11 12.47 9.64 -0.81
C ALA A 11 11.63 9.09 -1.96
N HIS A 12 10.97 7.92 -1.77
CA HIS A 12 10.09 7.46 -2.85
C HIS A 12 8.95 8.49 -3.05
N LEU A 13 8.43 9.03 -1.96
CA LEU A 13 7.34 10.02 -2.10
C LEU A 13 7.87 11.24 -2.84
N THR A 14 9.09 11.70 -2.57
CA THR A 14 9.65 12.84 -3.31
C THR A 14 9.69 12.52 -4.78
N GLN A 15 10.14 11.30 -5.14
CA GLN A 15 10.17 10.94 -6.57
C GLN A 15 8.79 10.94 -7.19
N LEU A 16 7.78 10.38 -6.47
CA LEU A 16 6.41 10.44 -6.99
C LEU A 16 5.89 11.87 -7.12
N SER A 17 6.26 12.74 -6.19
CA SER A 17 5.87 14.14 -6.30
C SER A 17 6.46 14.81 -7.53
N THR A 18 7.73 14.55 -7.77
CA THR A 18 8.37 15.12 -8.98
C THR A 18 7.76 14.56 -10.23
N ILE A 19 7.45 13.25 -10.23
CA ILE A 19 6.79 12.63 -11.39
C ILE A 19 5.47 13.33 -11.64
N ALA A 20 4.69 13.59 -10.60
CA ALA A 20 3.42 14.30 -10.84
C ALA A 20 3.67 15.67 -11.41
N ALA A 21 4.60 16.45 -10.82
CA ALA A 21 4.89 17.78 -11.33
C ALA A 21 5.36 17.77 -12.79
N ASN A 22 6.09 16.75 -13.19
CA ASN A 22 6.57 16.65 -14.56
C ASN A 22 5.51 16.18 -15.55
N ASN A 23 4.36 15.75 -15.06
CA ASN A 23 3.31 15.13 -15.86
C ASN A 23 1.95 15.71 -15.54
N GLY A 24 1.88 17.04 -15.61
CA GLY A 24 0.58 17.70 -15.59
C GLY A 24 -0.01 17.75 -14.22
N GLY A 25 0.75 17.40 -13.15
CA GLY A 25 0.23 17.56 -11.78
C GLY A 25 -0.43 16.34 -11.18
N ASN A 26 -0.42 15.19 -11.83
CA ASN A 26 -1.10 14.03 -11.25
C ASN A 26 -0.39 12.76 -11.69
N ARG A 27 -0.87 11.65 -11.11
CA ARG A 27 -0.41 10.32 -11.44
C ARG A 27 -1.64 9.45 -11.73
N ALA A 28 -2.60 9.97 -12.51
CA ALA A 28 -3.87 9.28 -12.69
C ALA A 28 -3.89 8.30 -13.85
N HIS A 29 -4.75 7.28 -13.77
CA HIS A 29 -4.99 6.35 -14.84
C HIS A 29 -5.18 7.03 -16.21
N GLY A 30 -4.48 6.54 -17.22
CA GLY A 30 -4.65 7.08 -18.58
C GLY A 30 -3.81 8.32 -18.83
N ARG A 31 -3.08 8.78 -17.81
CA ARG A 31 -2.27 10.01 -17.90
C ARG A 31 -0.82 9.63 -17.69
N PRO A 32 0.10 10.36 -18.28
CA PRO A 32 1.50 9.95 -18.26
C PRO A 32 2.11 9.86 -16.88
N GLY A 33 1.59 10.58 -15.88
CA GLY A 33 2.16 10.47 -14.54
C GLY A 33 2.00 9.09 -13.94
N TYR A 34 1.00 8.33 -14.38
CA TYR A 34 0.79 6.98 -13.82
C TYR A 34 1.85 6.04 -14.36
N LYS A 35 1.99 5.91 -15.67
CA LYS A 35 3.03 5.03 -16.22
C LYS A 35 4.42 5.45 -15.74
N ALA A 36 4.69 6.75 -15.57
CA ALA A 36 5.99 7.14 -15.07
C ALA A 36 6.20 6.68 -13.63
N SER A 37 5.16 6.66 -12.83
CA SER A 37 5.21 6.09 -11.46
C SER A 37 5.54 4.61 -11.52
N VAL A 38 4.86 3.86 -12.40
CA VAL A 38 5.14 2.45 -12.62
C VAL A 38 6.58 2.24 -12.99
N ASP A 39 7.11 3.08 -13.92
CA ASP A 39 8.49 2.88 -14.38
C ASP A 39 9.49 3.09 -13.24
N TYR A 40 9.22 4.05 -12.38
CA TYR A 40 10.13 4.29 -11.24
C TYR A 40 10.18 3.10 -10.31
N VAL A 41 9.01 2.64 -9.89
CA VAL A 41 8.89 1.51 -8.95
C VAL A 41 9.51 0.24 -9.56
N LYS A 42 9.20 -0.03 -10.81
CA LYS A 42 9.71 -1.22 -11.50
C LYS A 42 11.22 -1.21 -11.56
N ALA A 43 11.85 -0.06 -11.87
CA ALA A 43 13.30 -0.05 -12.00
C ALA A 43 13.93 -0.38 -10.68
N LYS A 44 13.39 0.13 -9.56
CA LYS A 44 13.99 -0.18 -8.26
C LYS A 44 13.91 -1.67 -7.99
N LEU A 45 12.73 -2.26 -8.28
CA LEU A 45 12.57 -3.69 -8.03
C LEU A 45 13.46 -4.57 -8.91
N ASP A 46 13.56 -4.19 -10.18
CA ASP A 46 14.39 -5.00 -11.09
C ASP A 46 15.84 -5.00 -10.61
N ALA A 47 16.31 -3.84 -10.17
CA ALA A 47 17.69 -3.75 -9.74
C ALA A 47 17.94 -4.56 -8.48
N ALA A 48 16.92 -4.73 -7.67
CA ALA A 48 17.01 -5.49 -6.42
C ALA A 48 16.89 -7.00 -6.63
N GLY A 49 16.53 -7.47 -7.84
CA GLY A 49 16.51 -8.92 -8.08
C GLY A 49 15.12 -9.49 -8.26
N TYR A 50 14.06 -8.66 -8.19
CA TYR A 50 12.72 -9.17 -8.42
C TYR A 50 12.46 -9.59 -9.86
N THR A 51 11.58 -10.56 -10.05
CA THR A 51 11.03 -10.81 -11.38
C THR A 51 9.78 -9.98 -11.53
N THR A 52 9.76 -8.96 -12.38
CA THR A 52 8.62 -8.08 -12.48
C THR A 52 7.82 -8.38 -13.73
N THR A 53 6.55 -8.14 -13.61
CA THR A 53 5.58 -8.28 -14.69
C THR A 53 4.74 -7.02 -14.80
N LEU A 54 4.62 -6.48 -16.00
CA LEU A 54 3.67 -5.40 -16.26
C LEU A 54 2.42 -6.04 -16.78
N GLN A 55 1.32 -5.92 -16.05
CA GLN A 55 0.03 -6.50 -16.46
C GLN A 55 -0.81 -5.38 -17.02
N GLN A 56 -1.09 -5.41 -18.31
CA GLN A 56 -1.81 -4.36 -18.99
C GLN A 56 -3.30 -4.66 -19.03
N PHE A 57 -4.11 -3.59 -18.94
CA PHE A 57 -5.55 -3.69 -19.08
C PHE A 57 -6.03 -2.43 -19.76
N THR A 58 -7.27 -2.44 -20.22
CA THR A 58 -7.88 -1.26 -20.82
C THR A 58 -9.13 -0.89 -20.04
N SER A 59 -9.18 0.37 -19.61
CA SER A 59 -10.38 0.82 -18.93
C SER A 59 -10.63 2.24 -19.37
N GLY A 60 -11.88 2.53 -19.68
CA GLY A 60 -12.16 3.90 -20.10
C GLY A 60 -11.47 4.24 -21.40
N GLY A 61 -11.21 3.29 -22.26
CA GLY A 61 -10.53 3.61 -23.51
C GLY A 61 -9.07 3.88 -23.34
N ALA A 62 -8.51 3.69 -22.17
CA ALA A 62 -7.11 4.02 -21.90
C ALA A 62 -6.34 2.84 -21.29
N THR A 63 -5.08 2.71 -21.68
CA THR A 63 -4.32 1.60 -21.13
C THR A 63 -3.93 1.81 -19.67
N GLY A 64 -4.17 0.79 -18.86
CA GLY A 64 -3.77 0.81 -17.49
C GLY A 64 -2.76 -0.30 -17.23
N TYR A 65 -2.12 -0.23 -16.07
CA TYR A 65 -1.08 -1.20 -15.73
C TYR A 65 -1.15 -1.54 -14.25
N ASN A 66 -0.98 -2.84 -13.95
CA ASN A 66 -0.57 -3.27 -12.64
C ASN A 66 0.91 -3.70 -12.74
N LEU A 67 1.65 -3.45 -11.67
CA LEU A 67 3.05 -3.92 -11.59
C LEU A 67 3.12 -5.03 -10.55
N ILE A 68 3.52 -6.19 -10.97
CA ILE A 68 3.63 -7.37 -10.11
C ILE A 68 5.09 -7.69 -9.92
N ALA A 69 5.56 -7.96 -8.71
CA ALA A 69 6.97 -8.23 -8.46
C ALA A 69 7.10 -9.48 -7.60
N ASN A 70 7.64 -10.54 -8.20
CA ASN A 70 7.80 -11.80 -7.49
C ASN A 70 9.23 -11.96 -7.00
N TRP A 71 9.37 -12.27 -5.69
CA TRP A 71 10.73 -12.47 -5.15
C TRP A 71 11.09 -13.94 -5.45
N PRO A 72 12.10 -14.21 -6.24
CA PRO A 72 12.34 -15.63 -6.61
C PRO A 72 12.59 -16.51 -5.39
N GLY A 73 11.96 -17.69 -5.44
CA GLY A 73 12.13 -18.65 -4.37
C GLY A 73 10.85 -18.80 -3.56
N GLY A 74 10.97 -19.63 -2.53
CA GLY A 74 9.85 -19.86 -1.62
C GLY A 74 8.86 -20.88 -2.13
N ASP A 75 7.92 -21.30 -1.29
CA ASP A 75 7.01 -22.38 -1.65
C ASP A 75 6.02 -21.87 -2.68
N PRO A 76 5.99 -22.41 -3.89
CA PRO A 76 5.01 -21.89 -4.88
C PRO A 76 3.59 -22.11 -4.45
N ASN A 77 3.37 -23.05 -3.52
CA ASN A 77 1.99 -23.29 -3.15
C ASN A 77 1.53 -22.44 -1.97
N LYS A 78 2.36 -21.59 -1.43
CA LYS A 78 1.99 -20.71 -0.32
C LYS A 78 2.55 -19.34 -0.64
N VAL A 79 1.77 -18.50 -1.28
CA VAL A 79 2.17 -17.18 -1.75
C VAL A 79 1.62 -16.10 -0.84
N LEU A 80 2.46 -15.22 -0.33
CA LEU A 80 1.99 -14.09 0.47
C LEU A 80 2.13 -12.84 -0.38
N MET A 81 1.02 -12.10 -0.53
CA MET A 81 1.03 -10.90 -1.34
C MET A 81 0.86 -9.67 -0.48
N ALA A 82 1.42 -8.57 -0.93
CA ALA A 82 1.22 -7.28 -0.32
C ALA A 82 1.11 -6.26 -1.46
N GLY A 83 0.23 -5.27 -1.30
CA GLY A 83 0.07 -4.34 -2.40
C GLY A 83 -0.53 -3.02 -1.97
N ALA A 84 -0.60 -2.13 -2.96
CA ALA A 84 -0.97 -0.73 -2.76
C ALA A 84 -1.32 -0.12 -4.10
N HIS A 85 -2.38 0.66 -4.20
CA HIS A 85 -2.61 1.27 -5.53
C HIS A 85 -1.64 2.42 -5.74
N LEU A 86 -1.18 2.49 -7.01
CA LEU A 86 -0.16 3.46 -7.40
C LEU A 86 -0.74 4.62 -8.17
N ASP A 87 -2.05 4.61 -8.50
CA ASP A 87 -2.64 5.75 -9.19
C ASP A 87 -3.13 6.78 -8.19
N SER A 88 -3.20 8.01 -8.65
CA SER A 88 -3.87 9.09 -7.94
C SER A 88 -5.13 9.53 -8.67
N VAL A 89 -6.00 10.29 -7.98
CA VAL A 89 -7.01 11.07 -8.70
C VAL A 89 -6.29 12.10 -9.57
N SER A 90 -7.05 12.67 -10.52
CA SER A 90 -6.37 13.67 -11.40
C SER A 90 -6.24 15.05 -10.79
N SER A 91 -6.80 15.32 -9.61
CA SER A 91 -6.63 16.65 -9.07
C SER A 91 -5.24 16.91 -8.49
N GLY A 92 -4.42 15.89 -8.24
CA GLY A 92 -3.14 16.13 -7.60
C GLY A 92 -2.25 14.93 -7.62
N ALA A 93 -1.18 15.04 -6.84
CA ALA A 93 -0.09 14.06 -6.90
C ALA A 93 -0.43 12.80 -6.11
N GLY A 94 -1.48 12.82 -5.28
CA GLY A 94 -1.81 11.60 -4.55
C GLY A 94 -0.67 11.09 -3.69
N ILE A 95 -0.05 12.00 -2.88
CA ILE A 95 1.07 11.58 -2.06
C ILE A 95 0.61 10.73 -0.88
N ASN A 96 -0.38 11.17 -0.09
CA ASN A 96 -0.92 10.24 0.91
C ASN A 96 -1.77 9.19 0.27
N ASP A 97 -2.63 9.58 -0.70
CA ASP A 97 -3.52 8.62 -1.35
C ASP A 97 -3.05 8.42 -2.80
N ASN A 98 -2.21 7.45 -3.13
CA ASN A 98 -1.65 6.44 -2.21
C ASN A 98 -0.18 6.25 -2.49
N GLY A 99 0.53 7.39 -2.63
CA GLY A 99 2.00 7.31 -2.59
C GLY A 99 2.45 6.66 -1.27
N SER A 100 1.78 6.98 -0.16
CA SER A 100 2.24 6.45 1.15
C SER A 100 2.27 4.95 1.15
N GLY A 101 1.18 4.26 0.77
CA GLY A 101 1.18 2.83 0.79
C GLY A 101 2.10 2.30 -0.29
N SER A 102 2.13 2.91 -1.48
CA SER A 102 3.01 2.44 -2.54
C SER A 102 4.49 2.46 -2.13
N ALA A 103 4.89 3.54 -1.44
CA ALA A 103 6.28 3.71 -1.00
C ALA A 103 6.63 2.74 0.09
N ALA A 104 5.71 2.49 1.02
CA ALA A 104 6.01 1.53 2.12
C ALA A 104 6.14 0.14 1.57
N VAL A 105 5.28 -0.26 0.61
CA VAL A 105 5.36 -1.59 0.01
C VAL A 105 6.65 -1.67 -0.81
N LEU A 106 6.99 -0.63 -1.56
CA LEU A 106 8.24 -0.70 -2.30
C LEU A 106 9.44 -0.83 -1.36
N GLU A 107 9.49 -0.02 -0.28
CA GLU A 107 10.66 -0.08 0.57
C GLU A 107 10.72 -1.41 1.32
N THR A 108 9.58 -2.00 1.64
CA THR A 108 9.59 -3.35 2.22
C THR A 108 10.17 -4.39 1.22
N ALA A 109 9.75 -4.31 -0.03
CA ALA A 109 10.28 -5.20 -1.06
C ALA A 109 11.78 -4.99 -1.17
N LEU A 110 12.26 -3.75 -1.16
CA LEU A 110 13.72 -3.53 -1.27
C LEU A 110 14.43 -4.06 -0.04
N ALA A 111 13.81 -3.92 1.15
CA ALA A 111 14.35 -4.43 2.40
C ALA A 111 14.51 -5.95 2.38
N VAL A 112 13.59 -6.66 1.75
CA VAL A 112 13.77 -8.13 1.65
C VAL A 112 15.09 -8.44 0.96
N SER A 113 15.39 -7.76 -0.15
CA SER A 113 16.62 -7.96 -0.88
C SER A 113 17.83 -7.54 -0.08
N ARG A 114 17.77 -6.37 0.56
CA ARG A 114 18.89 -5.91 1.36
C ARG A 114 19.22 -6.84 2.52
N ALA A 115 18.20 -7.48 3.09
CA ALA A 115 18.38 -8.39 4.22
C ALA A 115 18.80 -9.78 3.79
N GLY A 116 18.80 -10.05 2.48
CA GLY A 116 19.08 -11.43 2.07
C GLY A 116 18.04 -12.41 2.58
N TYR A 117 16.79 -11.98 2.66
CA TYR A 117 15.76 -12.84 3.21
C TYR A 117 15.29 -13.88 2.20
N GLN A 118 15.17 -15.09 2.69
CA GLN A 118 14.58 -16.25 1.97
C GLN A 118 13.31 -16.68 2.69
N PRO A 119 12.18 -16.04 2.42
CA PRO A 119 10.94 -16.44 3.12
C PRO A 119 10.55 -17.86 2.74
N ASP A 120 9.95 -18.55 3.69
CA ASP A 120 9.39 -19.88 3.40
C ASP A 120 8.27 -19.81 2.37
N LYS A 121 7.39 -18.81 2.51
CA LYS A 121 6.34 -18.56 1.50
C LYS A 121 6.91 -17.70 0.39
N HIS A 122 6.48 -17.99 -0.85
CA HIS A 122 6.85 -17.08 -1.93
C HIS A 122 6.23 -15.70 -1.74
N LEU A 123 7.04 -14.64 -1.87
CA LEU A 123 6.54 -13.29 -1.78
C LEU A 123 6.23 -12.69 -3.14
N ARG A 124 5.10 -12.01 -3.18
CA ARG A 124 4.67 -11.29 -4.41
C ARG A 124 4.11 -9.93 -4.01
N PHE A 125 4.66 -8.86 -4.56
CA PHE A 125 4.19 -7.51 -4.27
C PHE A 125 3.48 -6.97 -5.50
N ALA A 126 2.49 -6.07 -5.23
CA ALA A 126 1.72 -5.52 -6.35
C ALA A 126 1.47 -4.03 -6.15
N TRP A 127 1.54 -3.29 -7.26
CA TRP A 127 1.14 -1.91 -7.35
C TRP A 127 0.02 -1.84 -8.38
N TRP A 128 -1.18 -1.50 -7.88
CA TRP A 128 -2.39 -1.54 -8.70
C TRP A 128 -2.62 -0.22 -9.44
N GLY A 129 -3.04 -0.37 -10.69
CA GLY A 129 -3.57 0.75 -11.46
C GLY A 129 -5.05 0.96 -11.29
N ALA A 130 -5.49 2.15 -11.56
CA ALA A 130 -6.92 2.49 -11.73
C ALA A 130 -7.75 2.13 -10.54
N GLU A 131 -7.16 2.18 -9.33
CA GLU A 131 -8.01 1.99 -8.16
C GLU A 131 -9.08 3.08 -8.08
N GLU A 132 -8.69 4.31 -8.45
CA GLU A 132 -9.63 5.43 -8.31
C GLU A 132 -10.77 5.34 -9.29
N LEU A 133 -10.71 4.45 -10.26
CA LEU A 133 -11.84 4.24 -11.19
C LEU A 133 -12.80 3.19 -10.66
N GLY A 134 -12.50 2.56 -9.51
CA GLY A 134 -13.36 1.52 -8.96
C GLY A 134 -12.62 0.22 -8.81
N LEU A 135 -11.42 0.22 -8.24
CA LEU A 135 -10.65 -1.00 -8.01
C LEU A 135 -10.39 -1.71 -9.32
N ILE A 136 -10.23 -1.00 -10.44
CA ILE A 136 -10.22 -1.70 -11.75
C ILE A 136 -8.99 -2.57 -11.89
N GLY A 137 -7.82 -2.13 -11.47
CA GLY A 137 -6.61 -2.93 -11.63
C GLY A 137 -6.61 -4.17 -10.73
N SER A 138 -6.97 -4.02 -9.46
CA SER A 138 -6.97 -5.20 -8.60
C SER A 138 -8.07 -6.16 -9.02
N LYS A 139 -9.23 -5.67 -9.44
CA LYS A 139 -10.25 -6.57 -9.96
C LYS A 139 -9.68 -7.31 -11.18
N PHE A 140 -9.00 -6.58 -12.06
CA PHE A 140 -8.45 -7.25 -13.25
C PHE A 140 -7.50 -8.35 -12.83
N TYR A 141 -6.63 -8.06 -11.87
CA TYR A 141 -5.68 -9.08 -11.41
C TYR A 141 -6.40 -10.32 -10.87
N VAL A 142 -7.36 -10.12 -9.95
CA VAL A 142 -8.04 -11.29 -9.40
C VAL A 142 -8.86 -11.99 -10.48
N ASN A 143 -9.51 -11.27 -11.36
CA ASN A 143 -10.30 -11.86 -12.41
C ASN A 143 -9.48 -12.68 -13.40
N ASN A 144 -8.19 -12.35 -13.55
CA ASN A 144 -7.32 -13.05 -14.47
C ASN A 144 -6.35 -13.97 -13.76
N LEU A 145 -6.47 -14.16 -12.46
CA LEU A 145 -5.63 -15.07 -11.74
C LEU A 145 -6.32 -16.43 -11.77
N PRO A 146 -5.76 -17.46 -12.39
CA PRO A 146 -6.47 -18.75 -12.45
C PRO A 146 -6.80 -19.25 -11.05
N SER A 147 -7.88 -20.02 -10.97
CA SER A 147 -8.29 -20.53 -9.66
C SER A 147 -7.18 -21.34 -9.02
N ALA A 148 -6.36 -22.05 -9.77
CA ALA A 148 -5.30 -22.85 -9.16
C ALA A 148 -4.27 -21.95 -8.49
N ASP A 149 -4.03 -20.76 -9.06
CA ASP A 149 -3.13 -19.78 -8.38
C ASP A 149 -3.82 -19.03 -7.26
N ARG A 150 -5.11 -18.77 -7.39
CA ARG A 150 -5.80 -18.13 -6.28
C ARG A 150 -5.72 -18.99 -5.01
N SER A 151 -5.84 -20.31 -5.17
CA SER A 151 -5.78 -21.19 -4.00
C SER A 151 -4.41 -21.25 -3.36
N LYS A 152 -3.37 -20.84 -4.05
CA LYS A 152 -2.03 -20.79 -3.51
C LYS A 152 -1.80 -19.52 -2.66
N LEU A 153 -2.76 -18.57 -2.68
CA LEU A 153 -2.53 -17.32 -1.92
C LEU A 153 -2.80 -17.56 -0.42
N ALA A 154 -1.80 -17.35 0.38
CA ALA A 154 -1.90 -17.40 1.81
C ALA A 154 -2.52 -16.13 2.38
N GLY A 155 -2.38 -15.02 1.70
CA GLY A 155 -2.90 -13.76 2.21
C GLY A 155 -2.60 -12.63 1.22
N TYR A 156 -3.38 -11.57 1.35
CA TYR A 156 -3.13 -10.32 0.64
C TYR A 156 -3.19 -9.20 1.68
N LEU A 157 -2.10 -8.42 1.77
CA LEU A 157 -1.99 -7.28 2.70
C LEU A 157 -2.12 -5.98 1.95
N ASN A 158 -3.02 -5.09 2.35
CA ASN A 158 -3.22 -3.88 1.58
C ASN A 158 -2.81 -2.65 2.38
N PHE A 159 -2.22 -1.68 1.69
CA PHE A 159 -1.76 -0.43 2.34
C PHE A 159 -2.24 0.73 1.44
N ASP A 160 -3.29 1.40 1.90
CA ASP A 160 -3.92 2.49 1.14
C ASP A 160 -4.23 3.62 2.09
N MET A 161 -3.41 4.69 2.04
CA MET A 161 -3.44 5.87 2.92
C MET A 161 -2.93 5.50 4.30
N ILE A 162 -1.61 5.68 4.48
CA ILE A 162 -0.96 5.30 5.74
C ILE A 162 -0.10 6.40 6.27
N GLY A 163 -0.17 7.59 5.72
CA GLY A 163 0.56 8.75 6.24
C GLY A 163 -0.32 9.93 6.52
N SER A 164 -1.58 9.77 6.88
CA SER A 164 -2.48 10.92 7.00
C SER A 164 -1.98 11.94 8.01
N PRO A 165 -2.01 13.21 7.70
CA PRO A 165 -1.46 14.21 8.63
C PRO A 165 -2.11 14.32 9.99
N ASN A 166 -3.34 13.89 10.13
CA ASN A 166 -4.01 13.93 11.43
C ASN A 166 -4.46 12.51 11.73
N PRO A 167 -3.49 11.61 11.89
CA PRO A 167 -3.79 10.19 11.70
C PRO A 167 -4.56 9.53 12.83
N GLY A 168 -5.32 8.52 12.43
CA GLY A 168 -5.62 7.45 13.32
C GLY A 168 -4.82 6.22 12.92
N TYR A 169 -4.88 5.18 13.77
CA TYR A 169 -4.18 3.93 13.45
C TYR A 169 -5.21 2.84 13.38
N PHE A 170 -5.61 2.59 12.12
CA PHE A 170 -6.70 1.62 11.87
C PHE A 170 -6.08 0.37 11.28
N VAL A 171 -6.56 -0.78 11.76
CA VAL A 171 -6.13 -2.08 11.28
C VAL A 171 -7.35 -2.81 10.74
N TYR A 172 -7.30 -3.40 9.57
CA TYR A 172 -8.50 -4.11 9.04
C TYR A 172 -8.87 -5.26 9.97
N ASP A 173 -10.15 -5.45 10.15
CA ASP A 173 -10.67 -6.56 10.97
C ASP A 173 -11.18 -7.66 10.04
N ASP A 174 -10.24 -8.24 9.32
CA ASP A 174 -10.56 -9.30 8.38
C ASP A 174 -9.91 -10.60 8.83
N ASP A 175 -9.01 -11.22 8.09
CA ASP A 175 -8.42 -12.46 8.58
C ASP A 175 -7.82 -12.33 9.99
N PRO A 176 -8.10 -13.27 10.88
CA PRO A 176 -7.68 -13.07 12.27
C PRO A 176 -6.18 -13.12 12.46
N VAL A 177 -5.47 -13.95 11.72
CA VAL A 177 -4.03 -14.07 11.90
C VAL A 177 -3.31 -12.82 11.41
N ILE A 178 -3.73 -12.33 10.23
CA ILE A 178 -3.14 -11.08 9.70
C ILE A 178 -3.48 -9.96 10.65
N GLU A 179 -4.74 -9.81 11.12
CA GLU A 179 -5.04 -8.68 12.02
C GLU A 179 -4.19 -8.78 13.28
N LYS A 180 -4.01 -9.98 13.84
CA LYS A 180 -3.28 -10.14 15.10
C LYS A 180 -1.84 -9.70 14.90
N THR A 181 -1.28 -10.02 13.73
CA THR A 181 0.11 -9.67 13.45
C THR A 181 0.27 -8.15 13.44
N PHE A 182 -0.65 -7.44 12.80
CA PHE A 182 -0.50 -5.98 12.81
C PHE A 182 -0.74 -5.44 14.21
N LYS A 183 -1.79 -5.90 14.89
CA LYS A 183 -2.03 -5.36 16.23
C LYS A 183 -0.89 -5.63 17.19
N ASN A 184 -0.24 -6.80 17.06
CA ASN A 184 0.91 -7.07 17.91
C ASN A 184 2.04 -6.07 17.69
N TYR A 185 2.28 -5.66 16.46
CA TYR A 185 3.35 -4.70 16.22
C TYR A 185 3.03 -3.41 16.97
N PHE A 186 1.79 -2.94 16.80
CA PHE A 186 1.41 -1.66 17.42
C PHE A 186 1.42 -1.78 18.95
N ALA A 187 1.08 -2.93 19.50
CA ALA A 187 1.14 -3.14 20.93
C ALA A 187 2.56 -2.94 21.42
N GLY A 188 3.56 -3.42 20.67
CA GLY A 188 4.97 -3.28 21.03
C GLY A 188 5.37 -1.83 21.03
N LEU A 189 4.65 -0.98 20.29
CA LEU A 189 4.96 0.45 20.31
C LEU A 189 4.16 1.20 21.37
N ASN A 190 3.23 0.49 22.03
CA ASN A 190 2.28 1.13 22.91
C ASN A 190 1.47 2.19 22.17
N VAL A 191 1.03 1.90 20.97
CA VAL A 191 0.13 2.75 20.20
C VAL A 191 -1.17 1.99 19.99
N PRO A 192 -2.28 2.50 20.52
CA PRO A 192 -3.53 1.78 20.35
C PRO A 192 -4.00 1.81 18.90
N THR A 193 -4.81 0.82 18.52
CA THR A 193 -5.35 0.78 17.16
C THR A 193 -6.89 0.67 17.26
N GLU A 194 -7.57 0.97 16.17
CA GLU A 194 -9.01 0.71 16.11
C GLU A 194 -9.30 -0.04 14.80
N ILE A 195 -10.46 -0.69 14.78
CA ILE A 195 -10.92 -1.39 13.59
C ILE A 195 -11.23 -0.39 12.48
N GLU A 196 -10.82 -0.76 11.27
CA GLU A 196 -11.08 0.13 10.16
C GLU A 196 -12.58 0.03 9.84
N THR A 197 -13.23 1.16 9.64
CA THR A 197 -14.62 1.10 9.18
C THR A 197 -14.83 2.08 8.02
N GLU A 198 -13.95 3.11 7.99
CA GLU A 198 -14.09 4.19 7.01
C GLU A 198 -13.94 3.60 5.59
N GLY A 201 -12.39 -1.85 3.74
CA GLY A 201 -13.56 -1.44 2.98
C GLY A 201 -13.33 -1.40 1.47
N ARG A 202 -13.66 -0.28 0.85
CA ARG A 202 -13.44 -0.07 -0.58
C ARG A 202 -11.98 0.32 -0.93
N SER A 203 -11.13 -0.70 -0.97
CA SER A 203 -9.80 -0.57 -1.52
C SER A 203 -9.46 -1.92 -2.12
N ASP A 204 -8.20 -2.07 -2.54
CA ASP A 204 -7.84 -3.18 -3.41
C ASP A 204 -7.79 -4.56 -2.73
N HIS A 205 -7.96 -4.64 -1.41
CA HIS A 205 -8.15 -5.95 -0.82
C HIS A 205 -9.54 -6.52 -1.12
N ALA A 206 -10.50 -5.68 -1.52
CA ALA A 206 -11.84 -6.21 -1.69
C ALA A 206 -11.95 -7.31 -2.73
N PRO A 207 -11.35 -7.23 -3.90
CA PRO A 207 -11.49 -8.34 -4.86
C PRO A 207 -10.88 -9.63 -4.36
N PHE A 208 -9.85 -9.57 -3.55
CA PHE A 208 -9.24 -10.75 -2.95
C PHE A 208 -10.16 -11.31 -1.86
N LYS A 209 -10.62 -10.43 -0.97
CA LYS A 209 -11.51 -10.87 0.14
C LYS A 209 -12.72 -11.58 -0.44
N ASN A 210 -13.25 -11.00 -1.54
CA ASN A 210 -14.52 -11.52 -2.07
C ASN A 210 -14.37 -12.89 -2.69
N VAL A 211 -13.14 -13.37 -2.95
CA VAL A 211 -12.94 -14.73 -3.49
C VAL A 211 -12.26 -15.60 -2.45
N GLY A 212 -12.31 -15.17 -1.17
CA GLY A 212 -11.90 -16.07 -0.10
C GLY A 212 -10.43 -16.01 0.25
N VAL A 213 -9.66 -15.06 -0.31
CA VAL A 213 -8.25 -14.96 0.05
C VAL A 213 -8.17 -14.25 1.39
N PRO A 214 -7.45 -14.73 2.39
CA PRO A 214 -7.33 -13.98 3.65
C PRO A 214 -6.73 -12.62 3.37
N VAL A 215 -7.31 -11.53 3.97
CA VAL A 215 -6.78 -10.22 3.75
C VAL A 215 -6.62 -9.48 5.09
N GLY A 216 -5.83 -8.40 5.00
CA GLY A 216 -5.71 -7.44 6.09
C GLY A 216 -5.05 -6.17 5.58
N GLY A 217 -4.81 -5.23 6.49
CA GLY A 217 -4.17 -4.00 6.04
C GLY A 217 -4.23 -2.94 7.15
N LEU A 218 -3.68 -1.79 6.75
CA LEU A 218 -3.45 -0.62 7.59
C LEU A 218 -4.01 0.63 6.90
N PHE A 219 -4.56 1.55 7.69
CA PHE A 219 -5.15 2.79 7.18
C PHE A 219 -5.07 3.86 8.26
N THR A 220 -4.84 5.12 7.85
CA THR A 220 -4.73 6.19 8.82
C THR A 220 -5.82 7.24 8.73
N GLY A 221 -6.84 6.99 7.91
CA GLY A 221 -8.02 7.84 7.89
C GLY A 221 -8.02 8.77 6.67
N ALA A 222 -9.20 9.15 6.22
CA ALA A 222 -9.38 9.96 5.02
C ALA A 222 -10.25 11.16 5.35
N GLY A 223 -11.41 11.28 4.72
CA GLY A 223 -12.23 12.47 4.86
C GLY A 223 -13.06 12.57 6.14
N TYR A 224 -13.21 11.48 6.89
CA TYR A 224 -13.94 11.52 8.14
C TYR A 224 -13.19 12.39 9.15
N THR A 225 -13.93 12.95 10.09
CA THR A 225 -13.32 13.79 11.11
C THR A 225 -12.84 12.99 12.30
N LYS A 226 -11.68 13.33 12.84
CA LYS A 226 -11.16 12.69 14.04
C LYS A 226 -12.01 13.09 15.21
N SER A 227 -12.40 12.12 16.04
CA SER A 227 -13.23 12.45 17.18
C SER A 227 -12.39 12.94 18.35
N ALA A 228 -13.03 13.53 19.36
CA ALA A 228 -12.40 13.89 20.61
C ALA A 228 -11.73 12.66 21.18
N ALA A 229 -12.38 11.49 21.21
CA ALA A 229 -11.70 10.33 21.84
C ALA A 229 -10.50 9.88 21.05
N GLN A 230 -10.56 9.98 19.72
CA GLN A 230 -9.41 9.57 18.90
C GLN A 230 -8.27 10.55 19.05
N ALA A 231 -8.55 11.85 19.22
CA ALA A 231 -7.47 12.80 19.50
C ALA A 231 -6.85 12.53 20.85
N GLN A 232 -7.62 12.10 21.84
CA GLN A 232 -7.04 11.78 23.14
C GLN A 232 -6.11 10.61 23.00
N LYS A 233 -6.47 9.62 22.14
CA LYS A 233 -5.56 8.45 22.13
C LYS A 233 -4.36 8.66 21.20
N TRP A 234 -4.51 9.45 20.15
CA TRP A 234 -3.47 9.54 19.13
C TRP A 234 -2.89 10.92 18.96
N GLY A 235 -3.39 11.94 19.65
CA GLY A 235 -3.05 13.31 19.37
C GLY A 235 -3.66 13.85 18.07
N GLY A 236 -3.11 14.99 17.60
CA GLY A 236 -3.61 15.68 16.46
C GLY A 236 -4.76 16.60 16.79
N THR A 237 -5.76 16.69 15.93
CA THR A 237 -6.78 17.73 16.06
C THR A 237 -8.17 17.12 15.96
N ALA A 238 -8.89 17.13 17.06
CA ALA A 238 -10.28 16.68 17.04
C ALA A 238 -11.05 17.66 16.16
N GLY A 239 -11.99 17.16 15.40
CA GLY A 239 -12.89 17.98 14.59
C GLY A 239 -12.31 18.26 13.21
N GLN A 240 -11.12 17.82 12.94
CA GLN A 240 -10.56 17.97 11.58
C GLN A 240 -10.48 16.60 10.91
N ALA A 241 -10.57 16.57 9.61
CA ALA A 241 -10.39 15.31 8.88
C ALA A 241 -9.06 14.67 9.18
N PHE A 242 -9.04 13.34 9.13
CA PHE A 242 -7.72 12.66 9.16
C PHE A 242 -6.80 13.16 8.04
N ASP A 243 -7.42 13.33 6.86
CA ASP A 243 -6.70 13.88 5.72
C ASP A 243 -7.53 15.00 5.15
N ARG A 244 -7.10 16.24 5.47
CA ARG A 244 -7.73 17.44 4.99
C ARG A 244 -7.50 17.70 3.52
N CYS A 245 -6.66 16.91 2.88
CA CYS A 245 -6.33 17.08 1.47
C CYS A 245 -6.69 15.83 0.68
N TYR A 246 -7.63 15.05 1.22
CA TYR A 246 -8.10 13.83 0.55
C TYR A 246 -8.58 14.20 -0.85
N HIS A 247 -8.03 13.52 -1.86
CA HIS A 247 -8.40 13.64 -3.26
C HIS A 247 -8.23 15.05 -3.77
N SER A 248 -7.36 15.84 -3.12
CA SER A 248 -7.20 17.27 -3.44
C SER A 248 -5.89 17.57 -4.07
N SER A 249 -5.78 18.80 -4.64
CA SER A 249 -4.49 19.23 -5.17
C SER A 249 -3.42 19.38 -4.07
N CYS A 250 -3.86 19.56 -2.83
CA CYS A 250 -2.92 19.70 -1.71
C CYS A 250 -2.52 18.34 -1.15
N ASP A 251 -2.83 17.20 -1.80
CA ASP A 251 -2.30 15.90 -1.37
C ASP A 251 -0.90 15.76 -1.93
N SER A 252 -0.03 16.58 -1.37
CA SER A 252 1.37 16.81 -1.77
C SER A 252 2.35 16.29 -0.74
N LEU A 253 3.65 16.56 -0.93
CA LEU A 253 4.60 16.13 0.10
C LEU A 253 4.30 16.67 1.47
N SER A 254 3.61 17.83 1.52
CA SER A 254 3.29 18.35 2.88
C SER A 254 2.16 17.63 3.56
N ASN A 255 1.46 16.78 2.81
CA ASN A 255 0.30 16.07 3.36
C ASN A 255 0.66 14.69 3.93
N ILE A 256 1.75 14.65 4.70
CA ILE A 256 2.19 13.39 5.35
C ILE A 256 2.50 13.64 6.82
N ASN A 257 2.05 12.74 7.67
CA ASN A 257 2.55 12.67 9.05
C ASN A 257 3.68 11.66 9.09
N ASP A 258 4.88 12.10 9.36
CA ASP A 258 6.07 11.24 9.30
C ASP A 258 5.96 10.09 10.28
N THR A 259 5.44 10.35 11.48
CA THR A 259 5.35 9.26 12.47
C THR A 259 4.43 8.15 12.00
N ALA A 260 3.27 8.53 11.48
CA ALA A 260 2.37 7.48 10.98
C ALA A 260 2.99 6.72 9.80
N LEU A 261 3.61 7.50 8.89
CA LEU A 261 4.24 6.81 7.76
C LEU A 261 5.29 5.81 8.22
N ASP A 262 6.10 6.23 9.21
CA ASP A 262 7.17 5.36 9.73
C ASP A 262 6.60 4.12 10.40
N ARG A 263 5.67 4.34 11.33
CA ARG A 263 5.08 3.23 12.06
C ARG A 263 4.40 2.23 11.11
N ASN A 264 3.61 2.75 10.16
CA ASN A 264 2.89 1.81 9.26
C ASN A 264 3.86 1.13 8.31
N SER A 265 4.93 1.79 7.87
CA SER A 265 5.92 1.10 7.04
C SER A 265 6.60 0.00 7.81
N ASP A 266 6.96 0.30 9.05
CA ASP A 266 7.62 -0.73 9.88
C ASP A 266 6.65 -1.89 10.15
N ALA A 267 5.38 -1.58 10.40
CA ALA A 267 4.37 -2.61 10.63
C ALA A 267 4.19 -3.46 9.37
N ALA A 268 4.18 -2.84 8.20
CA ALA A 268 4.11 -3.61 6.94
C ALA A 268 5.24 -4.63 6.89
N ALA A 269 6.47 -4.20 7.15
CA ALA A 269 7.60 -5.16 7.11
C ALA A 269 7.47 -6.24 8.16
N HIS A 270 7.04 -5.83 9.36
CA HIS A 270 6.86 -6.84 10.42
C HIS A 270 5.90 -7.93 10.01
N ALA A 271 4.77 -7.47 9.46
CA ALA A 271 3.76 -8.47 9.05
C ALA A 271 4.25 -9.31 7.90
N ILE A 272 4.91 -8.71 6.92
CA ILE A 272 5.37 -9.52 5.77
C ILE A 272 6.37 -10.53 6.21
N TRP A 273 7.30 -10.20 7.11
CA TRP A 273 8.26 -11.19 7.64
C TRP A 273 7.52 -12.26 8.44
N THR A 274 6.67 -11.89 9.39
CA THR A 274 6.02 -12.84 10.29
C THR A 274 5.16 -13.81 9.52
N LEU A 275 4.41 -13.29 8.56
CA LEU A 275 3.46 -14.13 7.82
C LEU A 275 4.08 -14.94 6.71
N SER A 276 5.33 -14.71 6.36
CA SER A 276 5.98 -15.48 5.30
C SER A 276 6.91 -16.56 5.80
N SER A 277 7.01 -16.67 7.11
CA SER A 277 7.64 -17.91 7.63
C SER A 277 6.38 -18.78 7.95
#